data_7G8P
#
_entry.id   7G8P
#
_cell.length_a   70.571
_cell.length_b   70.571
_cell.length_c   197.002
_cell.angle_alpha   90.000
_cell.angle_beta   90.000
_cell.angle_gamma   90.000
#
_symmetry.space_group_name_H-M   'P 43 21 2'
#
loop_
_entity.id
_entity.type
_entity.pdbx_description
1 polymer 'Transforming protein RhoA'
2 polymer 'Rho guanine nucleotide exchange factor 2'
3 non-polymer 1,3-benzothiazole-6-sulfonamide
4 non-polymer 'DIMETHYL SULFOXIDE'
5 non-polymer 'FORMIC ACID'
6 water water
#
loop_
_entity_poly.entity_id
_entity_poly.type
_entity_poly.pdbx_seq_one_letter_code
_entity_poly.pdbx_strand_id
1 'polypeptide(L)'
;SMAAIRKKLVIVGDGACGKTCLLIVFSKDQFPEVYVPTVFENYVADIEVDGKQVELALWDTAGQEDYDRLRPLSYPDTDV
ILMCFSIDSPDSLENIPEKWTPEVKHFCPNVPIILVGNKKDLRNDEHTRRELAKMKQEPVKPEEGRDMANRIGAFGYMEC
SAKTKDGVREVFEMATRAALQARRG
;
A
2 'polypeptide(L)'
;SMEMDEKDFAADSWSLAVDSSFLQQHKKEVMKQQDVIYELIQTELHHVRTLKIMTRLFRTGMLEELHLEPGVVQGLFPCV
DELSDIHTRFLSQLLERRRQALCPGSTRNFVIHRLGDLLISQFSGPSAEQMCKTYSEFCSRHSKALKLYKELYARDKRFQ
QFIRKVTRPAVLKRHGVQECILLVTQRITKYPLLISRILQHSHGIEEERQDLTTALGLVKELLSNVDEGIYQLEKGARLQ
EIYNR
;
B
#
# COMPACT_ATOMS: atom_id res chain seq x y z
N ALA A 4 -19.99 0.98 16.90
CA ALA A 4 -18.84 0.45 16.17
C ALA A 4 -17.49 1.02 16.64
N ILE A 5 -16.51 0.15 16.83
CA ILE A 5 -15.21 0.56 17.34
C ILE A 5 -14.18 0.48 16.22
N ARG A 6 -13.31 1.50 16.08
CA ARG A 6 -12.31 1.45 15.01
C ARG A 6 -10.97 1.01 15.54
N LYS A 7 -10.46 -0.10 14.99
CA LYS A 7 -9.17 -0.69 15.37
C LYS A 7 -8.27 -0.78 14.12
N LYS A 8 -6.94 -0.64 14.25
CA LYS A 8 -6.03 -0.67 13.09
C LYS A 8 -5.03 -1.82 13.14
N LEU A 9 -4.98 -2.61 12.06
CA LEU A 9 -4.05 -3.72 11.86
C LEU A 9 -2.90 -3.27 10.93
N VAL A 10 -1.72 -3.88 11.05
CA VAL A 10 -0.57 -3.64 10.16
C VAL A 10 0.18 -4.99 10.03
N ILE A 11 0.53 -5.40 8.80
CA ILE A 11 1.28 -6.63 8.61
CA ILE A 11 1.29 -6.63 8.59
C ILE A 11 2.72 -6.27 8.25
N VAL A 12 3.68 -6.87 8.92
CA VAL A 12 5.12 -6.68 8.72
C VAL A 12 5.73 -8.06 8.34
N GLY A 13 6.99 -8.09 7.92
CA GLY A 13 7.64 -9.34 7.56
C GLY A 13 8.33 -9.28 6.21
N ASP A 14 9.27 -10.19 5.94
CA ASP A 14 9.99 -10.18 4.65
C ASP A 14 9.02 -10.47 3.52
N GLY A 15 9.25 -9.82 2.36
CA GLY A 15 8.43 -9.91 1.16
C GLY A 15 7.97 -11.31 0.79
N ALA A 16 8.92 -12.27 0.76
CA ALA A 16 8.66 -13.68 0.44
C ALA A 16 7.79 -14.43 1.47
N CYS A 17 7.22 -13.71 2.45
CA CYS A 17 6.31 -14.32 3.42
C CYS A 17 4.84 -14.35 2.92
N GLY A 18 4.51 -13.54 1.89
CA GLY A 18 3.20 -13.49 1.27
C GLY A 18 2.15 -12.63 1.96
N LYS A 19 2.59 -11.52 2.58
CA LYS A 19 1.72 -10.61 3.32
C LYS A 19 0.64 -9.90 2.49
N THR A 20 0.97 -9.45 1.26
CA THR A 20 0.06 -8.75 0.36
C THR A 20 -1.03 -9.69 -0.08
N CYS A 21 -0.68 -10.92 -0.47
CA CYS A 21 -1.66 -11.95 -0.87
C CYS A 21 -2.65 -12.20 0.27
N LEU A 22 -2.13 -12.37 1.52
CA LEU A 22 -2.94 -12.60 2.70
C LEU A 22 -3.99 -11.51 2.90
N LEU A 23 -3.59 -10.23 2.78
CA LEU A 23 -4.47 -9.08 2.91
C LEU A 23 -5.53 -9.07 1.82
N ILE A 24 -5.15 -9.37 0.57
CA ILE A 24 -6.06 -9.38 -0.59
C ILE A 24 -7.11 -10.49 -0.47
N VAL A 25 -6.67 -11.71 -0.22
CA VAL A 25 -7.54 -12.88 -0.06
C VAL A 25 -8.50 -12.71 1.10
N PHE A 26 -8.09 -12.01 2.16
CA PHE A 26 -9.01 -11.72 3.25
C PHE A 26 -10.00 -10.65 2.81
N SER A 27 -9.52 -9.47 2.40
CA SER A 27 -10.37 -8.34 2.01
C SER A 27 -11.37 -8.66 0.91
N LYS A 28 -11.01 -9.57 0.00
CA LYS A 28 -11.92 -9.93 -1.08
C LYS A 28 -12.90 -11.03 -0.73
N ASP A 29 -14.18 -10.75 -0.97
CA ASP A 29 -15.28 -11.72 -0.83
C ASP A 29 -15.05 -12.88 -1.82
N GLN A 30 -14.53 -12.55 -3.05
CA GLN A 30 -14.16 -13.49 -4.10
C GLN A 30 -12.75 -14.09 -3.78
N PHE A 31 -12.12 -14.71 -4.78
CA PHE A 31 -10.74 -15.18 -4.75
C PHE A 31 -10.15 -14.65 -6.04
N PRO A 32 -8.92 -14.08 -6.06
CA PRO A 32 -8.35 -13.58 -7.32
C PRO A 32 -8.17 -14.71 -8.33
N GLU A 33 -9.22 -14.98 -9.11
CA GLU A 33 -9.28 -16.05 -10.10
C GLU A 33 -8.67 -15.63 -11.40
N VAL A 34 -8.87 -14.37 -11.76
CA VAL A 34 -8.35 -13.85 -13.00
C VAL A 34 -7.06 -13.06 -12.74
N TYR A 35 -7.06 -12.14 -11.76
CA TYR A 35 -5.88 -11.33 -11.52
C TYR A 35 -5.54 -11.16 -10.06
N VAL A 36 -4.28 -11.43 -9.70
CA VAL A 36 -3.83 -11.22 -8.35
C VAL A 36 -3.14 -9.88 -8.39
N PRO A 37 -3.72 -8.85 -7.76
CA PRO A 37 -3.07 -7.53 -7.76
C PRO A 37 -1.66 -7.53 -7.21
N THR A 38 -0.80 -6.69 -7.75
CA THR A 38 0.58 -6.57 -7.28
C THR A 38 0.62 -5.81 -5.94
N VAL A 39 -0.25 -4.80 -5.80
CA VAL A 39 -0.28 -3.98 -4.60
C VAL A 39 -1.65 -4.02 -3.88
N PHE A 40 -1.63 -3.57 -2.61
CA PHE A 40 -2.78 -3.42 -1.73
C PHE A 40 -2.78 -1.94 -1.31
N GLU A 41 -3.91 -1.24 -1.42
CA GLU A 41 -3.99 0.16 -0.97
C GLU A 41 -4.28 0.21 0.56
N ASN A 42 -5.51 -0.11 0.92
CA ASN A 42 -6.03 -0.17 2.25
C ASN A 42 -7.44 -0.80 2.15
N TYR A 43 -7.93 -1.29 3.27
CA TYR A 43 -9.26 -1.87 3.35
C TYR A 43 -9.76 -1.65 4.77
N VAL A 44 -11.06 -1.49 4.97
CA VAL A 44 -11.64 -1.33 6.29
C VAL A 44 -12.66 -2.44 6.39
N ALA A 45 -12.31 -3.51 7.11
CA ALA A 45 -13.17 -4.69 7.21
C ALA A 45 -14.20 -4.64 8.33
N ASP A 46 -15.42 -5.07 8.04
CA ASP A 46 -16.48 -5.13 9.05
C ASP A 46 -16.43 -6.52 9.64
N ILE A 47 -15.95 -6.60 10.88
CA ILE A 47 -15.74 -7.86 11.59
CA ILE A 47 -15.81 -7.88 11.54
C ILE A 47 -16.62 -7.94 12.84
N GLU A 48 -17.25 -9.08 13.07
CA GLU A 48 -18.04 -9.28 14.27
CA GLU A 48 -18.02 -9.29 14.28
C GLU A 48 -17.39 -10.44 15.03
N VAL A 49 -16.53 -10.14 16.01
CA VAL A 49 -15.87 -11.22 16.77
C VAL A 49 -16.36 -11.26 18.25
N ASP A 50 -16.88 -12.43 18.65
CA ASP A 50 -17.41 -12.71 20.00
C ASP A 50 -18.54 -11.76 20.40
N GLY A 51 -19.31 -11.33 19.41
CA GLY A 51 -20.44 -10.44 19.66
C GLY A 51 -20.09 -8.98 19.51
N LYS A 52 -18.81 -8.62 19.38
CA LYS A 52 -18.42 -7.24 19.23
C LYS A 52 -18.25 -6.89 17.77
N GLN A 53 -18.81 -5.75 17.34
CA GLN A 53 -18.67 -5.33 15.96
C GLN A 53 -17.64 -4.23 15.83
N VAL A 54 -16.52 -4.56 15.16
CA VAL A 54 -15.34 -3.72 14.94
C VAL A 54 -15.12 -3.39 13.45
N GLU A 55 -14.65 -2.16 13.18
CA GLU A 55 -14.23 -1.70 11.87
C GLU A 55 -12.68 -1.86 11.91
N LEU A 56 -12.12 -2.72 11.05
CA LEU A 56 -10.68 -3.03 11.07
C LEU A 56 -9.87 -2.56 9.83
N ALA A 57 -9.13 -1.42 9.96
CA ALA A 57 -8.32 -0.91 8.86
C ALA A 57 -7.11 -1.82 8.68
N LEU A 58 -6.96 -2.44 7.50
CA LEU A 58 -5.87 -3.37 7.18
C LEU A 58 -4.83 -2.59 6.39
N TRP A 59 -3.56 -2.69 6.77
CA TRP A 59 -2.47 -1.97 6.10
C TRP A 59 -1.27 -2.87 5.83
N ASP A 60 -0.55 -2.54 4.76
CA ASP A 60 0.62 -3.28 4.29
C ASP A 60 1.91 -2.44 4.35
N THR A 61 3.00 -3.12 4.54
CA THR A 61 4.34 -2.52 4.59
C THR A 61 5.20 -3.01 3.41
N ALA A 62 4.60 -3.77 2.46
CA ALA A 62 5.28 -4.30 1.30
C ALA A 62 5.63 -3.14 0.35
N GLY A 63 6.92 -3.02 0.06
CA GLY A 63 7.53 -1.96 -0.71
C GLY A 63 8.44 -1.08 0.13
N GLN A 64 8.15 -1.01 1.44
CA GLN A 64 8.87 -0.21 2.44
C GLN A 64 10.11 -0.86 3.03
N GLU A 65 10.33 -2.16 2.76
CA GLU A 65 11.42 -2.99 3.29
C GLU A 65 12.82 -2.35 3.27
N ASP A 66 13.19 -1.58 2.25
CA ASP A 66 14.53 -0.97 2.23
C ASP A 66 14.57 0.49 2.70
N TYR A 67 13.40 1.07 2.99
CA TYR A 67 13.31 2.48 3.36
C TYR A 67 13.01 2.61 4.85
N ASP A 68 14.11 2.60 5.64
CA ASP A 68 14.16 2.62 7.09
C ASP A 68 13.48 3.83 7.77
N ARG A 69 13.26 4.95 7.06
CA ARG A 69 12.56 6.09 7.65
C ARG A 69 11.12 6.24 7.11
N LEU A 70 10.82 5.61 5.96
CA LEU A 70 9.51 5.66 5.33
C LEU A 70 8.57 4.60 5.93
N ARG A 71 9.14 3.41 6.25
CA ARG A 71 8.41 2.26 6.83
C ARG A 71 7.75 2.50 8.18
N PRO A 72 8.43 3.19 9.12
CA PRO A 72 7.80 3.43 10.44
C PRO A 72 6.60 4.37 10.43
N LEU A 73 6.35 5.07 9.30
CA LEU A 73 5.20 5.96 9.14
C LEU A 73 3.85 5.18 9.04
N SER A 74 3.93 3.85 8.83
CA SER A 74 2.76 2.98 8.81
C SER A 74 2.33 2.62 10.25
N TYR A 75 3.27 2.66 11.22
CA TYR A 75 3.04 2.22 12.59
C TYR A 75 2.13 3.11 13.47
N PRO A 76 2.13 4.45 13.42
CA PRO A 76 1.30 5.23 14.35
C PRO A 76 -0.16 4.77 14.52
N ASP A 77 -0.58 4.61 15.79
CA ASP A 77 -1.93 4.25 16.21
C ASP A 77 -2.34 2.82 15.91
N THR A 78 -1.37 1.92 15.65
CA THR A 78 -1.67 0.52 15.37
C THR A 78 -2.18 -0.19 16.65
N ASP A 79 -3.28 -0.92 16.54
CA ASP A 79 -3.87 -1.65 17.66
C ASP A 79 -3.44 -3.12 17.71
N VAL A 80 -3.03 -3.71 16.56
CA VAL A 80 -2.55 -5.10 16.50
C VAL A 80 -1.53 -5.28 15.37
N ILE A 81 -0.49 -6.09 15.59
CA ILE A 81 0.52 -6.33 14.56
C ILE A 81 0.47 -7.77 14.07
N LEU A 82 0.43 -8.00 12.75
CA LEU A 82 0.58 -9.36 12.24
C LEU A 82 2.04 -9.47 11.82
N MET A 83 2.80 -10.34 12.47
CA MET A 83 4.21 -10.57 12.16
C MET A 83 4.21 -11.81 11.23
N CYS A 84 4.51 -11.63 9.96
CA CYS A 84 4.35 -12.69 8.97
C CYS A 84 5.66 -13.35 8.50
N PHE A 85 5.61 -14.67 8.28
CA PHE A 85 6.72 -15.44 7.72
C PHE A 85 6.15 -16.58 6.88
N SER A 86 6.97 -17.09 5.95
CA SER A 86 6.54 -18.15 5.06
C SER A 86 7.01 -19.49 5.57
N ILE A 87 6.14 -20.51 5.58
CA ILE A 87 6.54 -21.83 6.09
C ILE A 87 7.54 -22.50 5.13
N ASP A 88 7.40 -22.30 3.84
CA ASP A 88 8.37 -22.81 2.87
C ASP A 88 9.66 -21.95 2.85
N SER A 89 9.90 -21.14 3.87
CA SER A 89 11.07 -20.28 3.91
C SER A 89 11.58 -20.11 5.34
N PRO A 90 12.52 -20.97 5.75
CA PRO A 90 13.07 -20.87 7.10
C PRO A 90 13.88 -19.60 7.33
N ASP A 91 14.42 -19.01 6.26
CA ASP A 91 15.17 -17.76 6.31
C ASP A 91 14.29 -16.61 6.74
N SER A 92 13.01 -16.54 6.25
CA SER A 92 12.06 -15.49 6.66
C SER A 92 11.65 -15.60 8.14
N LEU A 93 11.77 -16.80 8.73
CA LEU A 93 11.47 -17.02 10.14
C LEU A 93 12.64 -16.55 10.99
N GLU A 94 13.86 -16.81 10.55
CA GLU A 94 15.07 -16.39 11.26
C GLU A 94 15.15 -14.86 11.33
N ASN A 95 14.58 -14.13 10.33
CA ASN A 95 14.61 -12.67 10.36
C ASN A 95 13.55 -12.04 11.26
N ILE A 96 12.62 -12.83 11.81
CA ILE A 96 11.62 -12.33 12.73
C ILE A 96 12.28 -11.74 14.01
N PRO A 97 13.08 -12.48 14.82
CA PRO A 97 13.65 -11.88 16.04
C PRO A 97 14.87 -10.99 15.85
N GLU A 98 15.43 -10.96 14.64
CA GLU A 98 16.62 -10.17 14.36
C GLU A 98 16.31 -8.84 13.71
N LYS A 99 15.29 -8.80 12.87
CA LYS A 99 14.97 -7.60 12.14
C LYS A 99 13.64 -7.00 12.52
N TRP A 100 12.56 -7.79 12.44
CA TRP A 100 11.22 -7.26 12.60
C TRP A 100 10.81 -7.04 14.04
N THR A 101 11.17 -7.95 14.95
CA THR A 101 10.81 -7.82 16.37
C THR A 101 11.47 -6.61 17.01
N PRO A 102 12.80 -6.37 16.87
CA PRO A 102 13.39 -5.16 17.46
C PRO A 102 12.69 -3.85 17.07
N GLU A 103 12.28 -3.72 15.81
CA GLU A 103 11.62 -2.53 15.24
C GLU A 103 10.19 -2.37 15.69
N VAL A 104 9.39 -3.45 15.64
CA VAL A 104 8.00 -3.38 16.09
C VAL A 104 7.95 -3.07 17.60
N LYS A 105 8.87 -3.62 18.40
CA LYS A 105 8.92 -3.34 19.85
C LYS A 105 9.42 -1.93 20.18
N HIS A 106 10.22 -1.33 19.27
CA HIS A 106 10.75 0.03 19.41
C HIS A 106 9.63 1.06 19.20
N PHE A 107 8.99 1.06 18.03
CA PHE A 107 7.92 1.99 17.72
C PHE A 107 6.62 1.66 18.42
N CYS A 108 6.34 0.35 18.61
CA CYS A 108 5.08 -0.10 19.18
C CYS A 108 5.22 -0.96 20.46
N PRO A 109 5.66 -0.38 21.59
CA PRO A 109 5.75 -1.19 22.82
C PRO A 109 4.36 -1.46 23.38
N ASN A 110 4.13 -2.69 23.80
CA ASN A 110 2.85 -3.08 24.40
C ASN A 110 1.72 -3.32 23.38
N VAL A 111 2.01 -3.23 22.06
CA VAL A 111 0.99 -3.53 21.06
C VAL A 111 1.02 -5.04 20.79
N PRO A 112 -0.12 -5.74 20.91
CA PRO A 112 -0.11 -7.20 20.68
C PRO A 112 0.42 -7.60 19.29
N ILE A 113 1.30 -8.60 19.25
CA ILE A 113 1.84 -9.14 18.01
C ILE A 113 1.28 -10.55 17.80
N ILE A 114 0.87 -10.92 16.60
CA ILE A 114 0.44 -12.30 16.33
C ILE A 114 1.41 -12.86 15.33
N LEU A 115 2.16 -13.91 15.67
CA LEU A 115 3.06 -14.51 14.71
C LEU A 115 2.22 -15.36 13.77
N VAL A 116 2.34 -15.11 12.47
CA VAL A 116 1.55 -15.81 11.47
C VAL A 116 2.43 -16.53 10.50
N GLY A 117 2.30 -17.85 10.48
CA GLY A 117 3.01 -18.70 9.54
C GLY A 117 2.16 -18.94 8.31
N ASN A 118 2.45 -18.19 7.23
CA ASN A 118 1.74 -18.29 5.95
CA ASN A 118 1.70 -18.32 5.97
C ASN A 118 2.28 -19.45 5.10
N LYS A 119 1.61 -19.76 3.96
CA LYS A 119 2.00 -20.80 3.00
C LYS A 119 2.12 -22.18 3.62
N LYS A 120 1.23 -22.50 4.59
CA LYS A 120 1.24 -23.81 5.24
C LYS A 120 0.84 -24.94 4.30
N ASP A 121 0.13 -24.63 3.19
CA ASP A 121 -0.22 -25.62 2.19
C ASP A 121 1.05 -26.20 1.53
N LEU A 122 2.13 -25.39 1.44
CA LEU A 122 3.43 -25.80 0.90
C LEU A 122 4.23 -26.70 1.85
N ARG A 123 3.70 -27.04 3.04
CA ARG A 123 4.40 -27.93 3.98
C ARG A 123 4.32 -29.43 3.51
N ASN A 124 3.36 -29.74 2.62
CA ASN A 124 3.18 -31.07 2.01
C ASN A 124 3.45 -31.04 0.47
N ASP A 125 4.03 -29.94 -0.03
CA ASP A 125 4.39 -29.75 -1.43
C ASP A 125 5.79 -30.35 -1.65
N GLU A 126 5.99 -31.06 -2.78
CA GLU A 126 7.27 -31.70 -3.04
C GLU A 126 8.27 -30.79 -3.73
N HIS A 127 7.79 -29.81 -4.51
CA HIS A 127 8.70 -28.85 -5.13
C HIS A 127 9.41 -28.01 -4.05
N THR A 128 8.73 -27.77 -2.91
CA THR A 128 9.25 -27.01 -1.77
C THR A 128 10.34 -27.81 -1.04
N ARG A 129 10.13 -29.12 -0.89
CA ARG A 129 11.12 -29.98 -0.24
C ARG A 129 12.35 -30.10 -1.13
N ARG A 130 12.17 -30.39 -2.43
CA ARG A 130 13.26 -30.53 -3.40
C ARG A 130 14.18 -29.31 -3.46
N GLU A 131 13.62 -28.10 -3.54
CA GLU A 131 14.44 -26.88 -3.62
C GLU A 131 15.07 -26.54 -2.27
N LEU A 132 14.37 -26.82 -1.14
CA LEU A 132 14.92 -26.52 0.19
C LEU A 132 16.02 -27.50 0.61
N ALA A 133 16.04 -28.71 0.03
CA ALA A 133 17.10 -29.66 0.28
C ALA A 133 18.43 -29.16 -0.31
N LYS A 134 18.37 -28.42 -1.44
CA LYS A 134 19.54 -27.84 -2.10
C LYS A 134 20.30 -26.84 -1.18
N MET A 135 19.62 -26.30 -0.14
CA MET A 135 20.25 -25.37 0.81
C MET A 135 20.35 -25.92 2.22
N LYS A 136 20.33 -27.26 2.38
CA LYS A 136 20.42 -27.97 3.66
C LYS A 136 19.25 -27.63 4.62
N GLN A 137 18.11 -27.13 4.04
CA GLN A 137 16.91 -26.69 4.75
C GLN A 137 15.71 -27.64 4.57
N GLU A 138 14.60 -27.35 5.29
CA GLU A 138 13.34 -28.08 5.23
C GLU A 138 12.21 -27.20 5.80
N PRO A 139 10.95 -27.36 5.34
CA PRO A 139 9.86 -26.48 5.83
C PRO A 139 9.79 -26.26 7.34
N VAL A 140 9.48 -25.02 7.74
CA VAL A 140 9.33 -24.61 9.15
C VAL A 140 8.34 -25.52 9.86
N LYS A 141 8.82 -26.23 10.89
CA LYS A 141 8.00 -27.16 11.65
C LYS A 141 7.05 -26.43 12.61
N PRO A 142 5.84 -26.97 12.86
CA PRO A 142 4.89 -26.32 13.77
C PRO A 142 5.49 -25.85 15.11
N GLU A 143 6.32 -26.69 15.71
CA GLU A 143 6.98 -26.42 16.98
C GLU A 143 8.05 -25.30 16.86
N GLU A 144 8.67 -25.14 15.69
CA GLU A 144 9.65 -24.08 15.47
C GLU A 144 8.97 -22.69 15.35
N GLY A 145 7.76 -22.69 14.80
CA GLY A 145 6.94 -21.49 14.70
C GLY A 145 6.43 -21.11 16.07
N ARG A 146 5.85 -22.09 16.80
CA ARG A 146 5.34 -21.88 18.16
C ARG A 146 6.44 -21.45 19.10
N ASP A 147 7.64 -21.98 18.94
CA ASP A 147 8.77 -21.62 19.82
C ASP A 147 9.33 -20.25 19.51
N MET A 148 9.19 -19.78 18.28
CA MET A 148 9.60 -18.44 17.90
C MET A 148 8.58 -17.44 18.43
N ALA A 149 7.27 -17.77 18.34
CA ALA A 149 6.22 -16.92 18.87
C ALA A 149 6.39 -16.77 20.39
N ASN A 150 6.76 -17.85 21.07
CA ASN A 150 7.06 -17.86 22.47
C ASN A 150 8.27 -16.95 22.74
N ARG A 151 9.43 -17.27 22.14
CA ARG A 151 10.66 -16.53 22.33
C ARG A 151 10.54 -15.00 22.15
N ILE A 152 9.80 -14.52 21.09
CA ILE A 152 9.65 -13.08 20.84
C ILE A 152 8.49 -12.42 21.67
N GLY A 153 7.80 -13.18 22.51
CA GLY A 153 6.71 -12.66 23.33
C GLY A 153 5.47 -12.32 22.52
N ALA A 154 5.12 -13.16 21.54
CA ALA A 154 3.93 -12.94 20.72
C ALA A 154 2.70 -13.22 21.54
N PHE A 155 1.61 -12.52 21.26
CA PHE A 155 0.31 -12.75 21.89
C PHE A 155 -0.17 -14.17 21.56
N GLY A 156 0.04 -14.61 20.33
CA GLY A 156 -0.29 -15.96 19.90
C GLY A 156 0.45 -16.34 18.64
N TYR A 157 0.31 -17.60 18.21
CA TYR A 157 0.93 -18.12 17.00
C TYR A 157 -0.16 -18.79 16.20
N MET A 158 -0.27 -18.41 14.91
CA MET A 158 -1.29 -18.98 14.04
C MET A 158 -0.66 -19.44 12.73
N GLU A 159 -1.39 -20.24 11.95
CA GLU A 159 -0.91 -20.72 10.65
C GLU A 159 -2.05 -20.63 9.64
N CYS A 160 -1.73 -20.21 8.42
CA CYS A 160 -2.75 -20.12 7.38
C CYS A 160 -2.19 -20.40 6.01
N SER A 161 -3.08 -20.44 5.02
CA SER A 161 -2.73 -20.65 3.63
C SER A 161 -3.61 -19.71 2.84
N ALA A 162 -3.07 -18.61 2.27
CA ALA A 162 -3.90 -17.68 1.50
C ALA A 162 -4.33 -18.27 0.13
N LYS A 163 -3.64 -19.32 -0.35
CA LYS A 163 -4.01 -19.97 -1.60
C LYS A 163 -5.27 -20.81 -1.40
N THR A 164 -5.33 -21.57 -0.30
CA THR A 164 -6.49 -22.40 0.01
C THR A 164 -7.51 -21.71 0.95
N LYS A 165 -7.23 -20.44 1.37
CA LYS A 165 -8.03 -19.67 2.32
C LYS A 165 -8.07 -20.27 3.75
N ASP A 166 -7.38 -21.40 3.97
CA ASP A 166 -7.37 -22.10 5.25
C ASP A 166 -6.74 -21.35 6.42
N GLY A 167 -7.56 -21.01 7.41
CA GLY A 167 -7.12 -20.32 8.62
C GLY A 167 -6.99 -18.83 8.50
N VAL A 168 -7.42 -18.25 7.39
CA VAL A 168 -7.28 -16.82 7.15
C VAL A 168 -8.31 -16.02 7.95
N ARG A 169 -9.59 -16.45 7.95
CA ARG A 169 -10.62 -15.75 8.70
C ARG A 169 -10.32 -15.76 10.20
N GLU A 170 -9.79 -16.90 10.70
CA GLU A 170 -9.40 -17.08 12.09
C GLU A 170 -8.29 -16.12 12.52
N VAL A 171 -7.26 -15.90 11.66
CA VAL A 171 -6.17 -14.99 11.99
C VAL A 171 -6.72 -13.58 12.22
N PHE A 172 -7.60 -13.13 11.33
CA PHE A 172 -8.17 -11.79 11.36
C PHE A 172 -9.23 -11.62 12.46
N GLU A 173 -9.92 -12.69 12.83
CA GLU A 173 -10.85 -12.66 13.96
C GLU A 173 -10.06 -12.57 15.28
N MET A 174 -8.92 -13.28 15.35
CA MET A 174 -8.06 -13.25 16.52
C MET A 174 -7.35 -11.93 16.64
N ALA A 175 -6.87 -11.36 15.54
CA ALA A 175 -6.23 -10.04 15.57
C ALA A 175 -7.21 -8.96 16.10
N THR A 176 -8.50 -9.15 15.84
CA THR A 176 -9.54 -8.24 16.32
C THR A 176 -9.71 -8.39 17.82
N ARG A 177 -9.58 -9.61 18.35
CA ARG A 177 -9.64 -9.82 19.79
C ARG A 177 -8.40 -9.19 20.43
N ALA A 178 -7.22 -9.45 19.86
CA ALA A 178 -5.97 -8.88 20.33
C ALA A 178 -6.00 -7.35 20.38
N ALA A 179 -6.54 -6.70 19.32
CA ALA A 179 -6.66 -5.25 19.25
C ALA A 179 -7.65 -4.70 20.29
N LEU A 180 -8.68 -5.48 20.63
CA LEU A 180 -9.67 -5.05 21.61
C LEU A 180 -9.22 -5.29 23.07
N GLN A 181 -7.92 -5.58 23.30
CA GLN A 181 -7.45 -5.84 24.67
C GLN A 181 -7.00 -4.59 25.45
N ALA A 182 -7.09 -4.70 26.80
CA ALA A 182 -6.71 -3.69 27.81
C ALA A 182 -6.78 -2.22 27.33
N SER B 1 -12.90 11.67 -9.10
CA SER B 1 -12.77 10.99 -10.40
CA SER B 1 -12.76 11.02 -10.41
C SER B 1 -13.97 11.30 -11.29
N MET B 2 -13.74 11.37 -12.64
CA MET B 2 -14.79 11.61 -13.64
C MET B 2 -15.41 10.30 -14.13
N GLU B 3 -16.73 10.26 -14.35
CA GLU B 3 -17.46 9.05 -14.74
C GLU B 3 -16.80 8.26 -15.87
N MET B 4 -16.35 8.96 -16.91
CA MET B 4 -15.70 8.38 -18.07
CA MET B 4 -15.69 8.39 -18.08
C MET B 4 -14.55 7.44 -17.67
N ASP B 5 -13.63 7.92 -16.80
CA ASP B 5 -12.48 7.17 -16.32
C ASP B 5 -12.88 6.09 -15.35
N GLU B 6 -13.90 6.34 -14.50
CA GLU B 6 -14.35 5.33 -13.56
C GLU B 6 -14.88 4.12 -14.28
N LYS B 7 -15.69 4.30 -15.34
CA LYS B 7 -16.20 3.15 -16.07
C LYS B 7 -15.09 2.44 -16.84
N ASP B 8 -14.05 3.19 -17.28
CA ASP B 8 -12.90 2.64 -17.98
C ASP B 8 -12.00 1.81 -17.09
N PHE B 9 -12.03 2.06 -15.77
CA PHE B 9 -11.22 1.30 -14.82
C PHE B 9 -12.04 0.58 -13.77
N ALA B 10 -13.31 0.29 -14.04
CA ALA B 10 -14.20 -0.40 -13.11
C ALA B 10 -13.92 -1.89 -13.01
N ALA B 11 -13.32 -2.51 -14.05
CA ALA B 11 -13.02 -3.95 -14.05
C ALA B 11 -11.82 -4.30 -13.16
N ASP B 12 -11.76 -5.58 -12.72
CA ASP B 12 -10.68 -6.07 -11.90
C ASP B 12 -9.37 -6.19 -12.69
N SER B 13 -9.46 -6.56 -13.97
CA SER B 13 -8.26 -6.64 -14.79
C SER B 13 -8.47 -6.07 -16.22
N TRP B 14 -7.36 -5.92 -16.97
CA TRP B 14 -7.40 -5.52 -18.36
C TRP B 14 -8.16 -6.58 -19.18
N SER B 15 -8.01 -7.89 -18.80
CA SER B 15 -8.70 -8.99 -19.50
CA SER B 15 -8.70 -9.02 -19.47
C SER B 15 -10.23 -8.91 -19.34
N LEU B 16 -10.70 -8.37 -18.22
CA LEU B 16 -12.12 -8.19 -17.95
C LEU B 16 -12.65 -6.86 -18.51
N ALA B 17 -11.76 -5.86 -18.70
CA ALA B 17 -12.12 -4.55 -19.21
C ALA B 17 -12.32 -4.61 -20.73
N VAL B 18 -11.35 -5.17 -21.48
CA VAL B 18 -11.48 -5.31 -22.92
C VAL B 18 -12.61 -6.27 -23.29
N ASP B 19 -13.12 -6.17 -24.50
CA ASP B 19 -14.17 -7.05 -25.01
C ASP B 19 -13.52 -8.41 -25.19
N SER B 20 -14.25 -9.48 -24.84
CA SER B 20 -13.75 -10.85 -24.94
C SER B 20 -13.23 -11.24 -26.35
N SER B 21 -13.83 -10.68 -27.41
CA SER B 21 -13.37 -10.96 -28.77
C SER B 21 -11.99 -10.30 -29.05
N PHE B 22 -11.71 -9.17 -28.40
CA PHE B 22 -10.44 -8.45 -28.54
C PHE B 22 -9.35 -9.18 -27.75
N LEU B 23 -9.69 -9.65 -26.56
CA LEU B 23 -8.77 -10.38 -25.70
C LEU B 23 -8.32 -11.68 -26.39
N GLN B 24 -9.26 -12.38 -27.05
CA GLN B 24 -9.00 -13.64 -27.75
C GLN B 24 -7.86 -13.56 -28.79
N GLN B 25 -7.64 -12.39 -29.38
CA GLN B 25 -6.59 -12.21 -30.37
C GLN B 25 -5.19 -12.01 -29.79
N HIS B 26 -5.04 -11.93 -28.46
CA HIS B 26 -3.73 -11.67 -27.86
C HIS B 26 -3.07 -12.86 -27.18
N LYS B 27 -1.74 -12.82 -27.08
CA LYS B 27 -0.95 -13.88 -26.48
C LYS B 27 -1.06 -13.86 -24.93
N LYS B 28 -0.50 -14.88 -24.29
CA LYS B 28 -0.47 -15.02 -22.85
C LYS B 28 0.30 -13.83 -22.23
N GLU B 29 1.59 -13.67 -22.60
CA GLU B 29 2.54 -12.64 -22.13
C GLU B 29 2.01 -11.22 -22.25
N VAL B 30 1.24 -10.97 -23.29
CA VAL B 30 0.67 -9.65 -23.58
C VAL B 30 -0.47 -9.37 -22.60
N MET B 31 -1.39 -10.34 -22.42
CA MET B 31 -2.51 -10.21 -21.50
C MET B 31 -2.00 -9.96 -20.09
N LYS B 32 -0.94 -10.69 -19.71
CA LYS B 32 -0.23 -10.59 -18.46
C LYS B 32 0.29 -9.17 -18.25
N GLN B 33 1.10 -8.67 -19.17
CA GLN B 33 1.70 -7.33 -19.15
C GLN B 33 0.64 -6.23 -19.10
N GLN B 34 -0.45 -6.39 -19.84
CA GLN B 34 -1.51 -5.41 -19.90
C GLN B 34 -2.35 -5.35 -18.63
N ASP B 35 -2.48 -6.47 -17.94
CA ASP B 35 -3.18 -6.56 -16.65
C ASP B 35 -2.45 -5.68 -15.62
N VAL B 36 -1.10 -5.75 -15.59
CA VAL B 36 -0.26 -5.02 -14.64
C VAL B 36 -0.16 -3.55 -15.03
N ILE B 37 -0.10 -3.25 -16.33
CA ILE B 37 -0.09 -1.85 -16.80
C ILE B 37 -1.41 -1.17 -16.38
N TYR B 38 -2.56 -1.89 -16.57
CA TYR B 38 -3.91 -1.48 -16.20
C TYR B 38 -3.96 -1.18 -14.70
N GLU B 39 -3.27 -2.00 -13.89
CA GLU B 39 -3.21 -1.79 -12.46
C GLU B 39 -2.46 -0.53 -12.09
N LEU B 40 -1.32 -0.27 -12.77
CA LEU B 40 -0.52 0.93 -12.53
C LEU B 40 -1.38 2.19 -12.76
N ILE B 41 -2.23 2.16 -13.79
CA ILE B 41 -3.10 3.29 -14.09
C ILE B 41 -4.27 3.30 -13.11
N GLN B 42 -4.98 2.19 -12.93
CA GLN B 42 -6.07 2.08 -11.94
C GLN B 42 -5.72 2.61 -10.56
N THR B 43 -4.54 2.23 -10.02
CA THR B 43 -4.08 2.68 -8.70
C THR B 43 -3.69 4.16 -8.70
N GLU B 44 -3.22 4.68 -9.86
CA GLU B 44 -2.85 6.09 -10.07
C GLU B 44 -4.08 6.97 -10.11
N LEU B 45 -5.15 6.48 -10.77
CA LEU B 45 -6.46 7.13 -10.82
C LEU B 45 -6.97 7.27 -9.38
N HIS B 46 -6.91 6.17 -8.62
CA HIS B 46 -7.29 6.10 -7.21
C HIS B 46 -6.42 7.03 -6.35
N HIS B 47 -5.10 7.07 -6.58
CA HIS B 47 -4.19 7.96 -5.88
C HIS B 47 -4.61 9.42 -5.99
N VAL B 48 -4.89 9.89 -7.23
CA VAL B 48 -5.34 11.25 -7.53
C VAL B 48 -6.69 11.53 -6.85
N ARG B 49 -7.62 10.55 -6.87
CA ARG B 49 -8.91 10.63 -6.21
C ARG B 49 -8.71 10.91 -4.70
N THR B 50 -7.77 10.20 -4.05
CA THR B 50 -7.39 10.42 -2.65
C THR B 50 -6.94 11.89 -2.40
N LEU B 51 -6.06 12.44 -3.26
CA LEU B 51 -5.62 13.84 -3.13
C LEU B 51 -6.77 14.85 -3.39
N LYS B 52 -7.79 14.46 -4.18
CA LYS B 52 -8.95 15.34 -4.44
C LYS B 52 -9.84 15.40 -3.21
N ILE B 53 -9.98 14.27 -2.49
CA ILE B 53 -10.75 14.20 -1.25
C ILE B 53 -10.08 15.12 -0.22
N MET B 54 -8.74 15.00 -0.10
CA MET B 54 -7.99 15.82 0.86
C MET B 54 -8.09 17.31 0.60
N THR B 55 -7.97 17.75 -0.67
CA THR B 55 -8.01 19.17 -1.07
C THR B 55 -9.44 19.76 -1.12
N ARG B 56 -10.35 19.14 -1.88
CA ARG B 56 -11.69 19.69 -2.06
C ARG B 56 -12.63 19.39 -0.92
N LEU B 57 -12.65 18.13 -0.45
CA LEU B 57 -13.58 17.75 0.59
C LEU B 57 -13.13 18.20 1.98
N PHE B 58 -11.91 17.85 2.41
CA PHE B 58 -11.45 18.23 3.74
C PHE B 58 -10.80 19.61 3.82
N ARG B 59 -9.73 19.89 3.05
CA ARG B 59 -8.98 21.15 3.12
C ARG B 59 -9.81 22.37 2.82
N THR B 60 -10.57 22.33 1.72
CA THR B 60 -11.42 23.43 1.33
C THR B 60 -12.65 23.50 2.21
N GLY B 61 -13.25 22.33 2.49
CA GLY B 61 -14.43 22.23 3.33
C GLY B 61 -14.22 22.85 4.69
N MET B 62 -13.03 22.63 5.26
CA MET B 62 -12.64 23.21 6.54
C MET B 62 -12.56 24.73 6.36
N LEU B 63 -11.73 25.23 5.42
CA LEU B 63 -11.61 26.68 5.16
C LEU B 63 -12.96 27.44 5.13
N GLU B 64 -13.95 26.84 4.47
CA GLU B 64 -15.27 27.45 4.33
C GLU B 64 -16.20 27.29 5.53
N GLU B 65 -16.23 26.11 6.18
CA GLU B 65 -17.14 25.89 7.31
C GLU B 65 -16.48 26.12 8.67
N LEU B 66 -15.35 25.45 8.91
CA LEU B 66 -14.60 25.62 10.15
C LEU B 66 -13.70 26.84 10.04
N HIS B 67 -13.99 27.87 10.83
CA HIS B 67 -13.18 29.07 10.81
C HIS B 67 -12.12 29.03 11.92
N LEU B 68 -11.00 28.38 11.60
CA LEU B 68 -9.82 28.20 12.42
C LEU B 68 -8.58 28.73 11.68
N GLU B 69 -7.46 28.97 12.40
CA GLU B 69 -6.17 29.44 11.89
C GLU B 69 -5.78 28.77 10.53
N PRO B 70 -5.31 29.55 9.53
CA PRO B 70 -4.97 28.94 8.23
C PRO B 70 -3.77 27.99 8.25
N GLY B 71 -2.89 28.17 9.22
CA GLY B 71 -1.74 27.29 9.43
C GLY B 71 -2.13 25.93 9.98
N VAL B 72 -3.35 25.80 10.53
CA VAL B 72 -3.89 24.57 11.07
C VAL B 72 -4.21 23.62 9.90
N VAL B 73 -4.85 24.17 8.85
CA VAL B 73 -5.20 23.42 7.65
C VAL B 73 -3.94 23.02 6.89
N GLN B 74 -2.94 23.91 6.84
CA GLN B 74 -1.64 23.60 6.24
C GLN B 74 -0.93 22.49 7.01
N GLY B 75 -1.03 22.54 8.33
CA GLY B 75 -0.45 21.53 9.20
C GLY B 75 -1.14 20.19 9.03
N LEU B 76 -2.45 20.20 8.73
CA LEU B 76 -3.24 19.00 8.50
C LEU B 76 -2.96 18.39 7.13
N PHE B 77 -2.95 19.20 6.07
CA PHE B 77 -2.75 18.70 4.71
C PHE B 77 -1.57 19.41 4.06
N PRO B 78 -0.34 19.08 4.49
CA PRO B 78 0.83 19.76 3.91
C PRO B 78 1.14 19.31 2.48
N CYS B 79 1.46 20.27 1.61
CA CYS B 79 1.85 20.04 0.21
C CYS B 79 0.81 19.31 -0.68
N VAL B 80 -0.46 19.22 -0.27
CA VAL B 80 -1.50 18.52 -1.04
CA VAL B 80 -1.47 18.48 -1.03
C VAL B 80 -1.75 19.11 -2.42
N ASP B 81 -1.57 20.44 -2.57
CA ASP B 81 -1.79 21.07 -3.86
C ASP B 81 -0.69 20.69 -4.84
N GLU B 82 0.55 20.75 -4.36
CA GLU B 82 1.76 20.42 -5.07
C GLU B 82 1.71 18.96 -5.48
N LEU B 83 1.32 18.06 -4.54
CA LEU B 83 1.17 16.62 -4.76
C LEU B 83 0.10 16.32 -5.79
N SER B 84 -1.04 17.02 -5.70
CA SER B 84 -2.15 16.86 -6.64
C SER B 84 -1.70 17.20 -8.06
N ASP B 85 -0.84 18.23 -8.22
CA ASP B 85 -0.37 18.66 -9.55
C ASP B 85 0.55 17.64 -10.19
N ILE B 86 1.40 16.98 -9.36
CA ILE B 86 2.35 15.97 -9.82
C ILE B 86 1.61 14.73 -10.32
N HIS B 87 0.60 14.30 -9.56
CA HIS B 87 -0.11 13.09 -9.87
C HIS B 87 -1.20 13.31 -10.90
N THR B 88 -1.82 14.50 -10.95
CA THR B 88 -2.81 14.77 -11.99
C THR B 88 -2.14 14.85 -13.37
N ARG B 89 -0.89 15.36 -13.43
CA ARG B 89 -0.16 15.41 -14.68
C ARG B 89 0.28 13.99 -15.10
N PHE B 90 0.79 13.17 -14.17
CA PHE B 90 1.22 11.79 -14.45
C PHE B 90 0.03 10.98 -14.95
N LEU B 91 -1.12 11.07 -14.23
CA LEU B 91 -2.39 10.40 -14.58
C LEU B 91 -2.85 10.80 -15.99
N SER B 92 -2.79 12.09 -16.33
CA SER B 92 -3.18 12.54 -17.66
C SER B 92 -2.28 11.92 -18.74
N GLN B 93 -0.97 11.88 -18.51
CA GLN B 93 -0.02 11.30 -19.45
C GLN B 93 -0.28 9.81 -19.65
N LEU B 94 -0.60 9.10 -18.58
CA LEU B 94 -0.91 7.67 -18.60
C LEU B 94 -2.25 7.40 -19.31
N LEU B 95 -3.24 8.28 -19.09
CA LEU B 95 -4.57 8.18 -19.68
C LEU B 95 -4.58 8.55 -21.15
N GLU B 96 -3.68 9.46 -21.57
CA GLU B 96 -3.57 9.83 -22.99
C GLU B 96 -2.93 8.69 -23.75
N ARG B 97 -1.89 8.07 -23.18
CA ARG B 97 -1.22 6.93 -23.80
C ARG B 97 -2.20 5.76 -24.02
N ARG B 98 -3.15 5.56 -23.10
CA ARG B 98 -4.18 4.54 -23.24
C ARG B 98 -5.13 4.91 -24.37
N ARG B 99 -5.53 6.20 -24.42
CA ARG B 99 -6.47 6.69 -25.41
C ARG B 99 -5.94 6.62 -26.83
N GLN B 100 -4.65 6.96 -27.02
CA GLN B 100 -3.95 6.88 -28.29
C GLN B 100 -4.04 5.45 -28.85
N ALA B 101 -3.80 4.47 -27.99
CA ALA B 101 -3.78 3.04 -28.27
C ALA B 101 -5.14 2.42 -28.47
N LEU B 102 -6.24 3.19 -28.27
CA LEU B 102 -7.59 2.65 -28.44
C LEU B 102 -7.80 2.26 -29.88
N CYS B 103 -8.39 1.09 -30.09
CA CYS B 103 -8.71 0.63 -31.43
C CYS B 103 -9.83 1.49 -31.98
N PRO B 104 -9.81 1.80 -33.29
CA PRO B 104 -10.90 2.62 -33.84
C PRO B 104 -12.26 1.95 -33.69
N GLY B 105 -13.23 2.77 -33.29
CA GLY B 105 -14.60 2.36 -33.03
C GLY B 105 -14.82 1.72 -31.67
N SER B 106 -13.83 1.81 -30.77
CA SER B 106 -13.92 1.23 -29.46
C SER B 106 -13.42 2.16 -28.40
N THR B 107 -14.11 2.21 -27.26
CA THR B 107 -13.70 3.00 -26.09
C THR B 107 -13.07 2.13 -24.96
N ARG B 108 -12.95 0.80 -25.18
CA ARG B 108 -12.42 -0.10 -24.17
C ARG B 108 -11.24 -0.95 -24.62
N ASN B 109 -11.18 -1.28 -25.91
CA ASN B 109 -10.13 -2.15 -26.45
C ASN B 109 -8.84 -1.39 -26.78
N PHE B 110 -7.68 -1.85 -26.26
CA PHE B 110 -6.37 -1.21 -26.49
C PHE B 110 -5.19 -2.10 -26.03
N VAL B 111 -3.95 -1.77 -26.43
CA VAL B 111 -2.73 -2.46 -25.99
C VAL B 111 -1.62 -1.39 -25.87
N ILE B 112 -1.10 -1.15 -24.67
CA ILE B 112 -0.03 -0.17 -24.47
C ILE B 112 1.34 -0.85 -24.62
N HIS B 113 2.02 -0.57 -25.72
CA HIS B 113 3.33 -1.17 -26.00
C HIS B 113 4.49 -0.35 -25.39
N ARG B 114 4.35 0.98 -25.40
N ARG B 114 4.34 0.98 -25.41
CA ARG B 114 5.38 1.88 -24.89
CA ARG B 114 5.36 1.89 -24.90
C ARG B 114 4.93 2.49 -23.59
C ARG B 114 4.91 2.49 -23.58
N LEU B 115 5.70 2.28 -22.53
N LEU B 115 5.69 2.29 -22.53
CA LEU B 115 5.37 2.84 -21.22
CA LEU B 115 5.37 2.84 -21.22
C LEU B 115 6.63 3.32 -20.52
C LEU B 115 6.63 3.32 -20.51
N GLY B 116 7.70 2.54 -20.61
CA GLY B 116 8.98 2.85 -19.98
C GLY B 116 9.56 4.22 -20.27
N ASP B 117 9.23 4.78 -21.45
CA ASP B 117 9.61 6.11 -21.90
C ASP B 117 8.86 7.20 -21.11
N LEU B 118 7.57 6.99 -20.86
CA LEU B 118 6.74 7.90 -20.08
C LEU B 118 7.14 7.84 -18.59
N LEU B 119 7.59 6.67 -18.11
CA LEU B 119 8.02 6.51 -16.75
C LEU B 119 9.42 7.10 -16.55
N ILE B 120 10.30 6.98 -17.55
CA ILE B 120 11.63 7.60 -17.48
C ILE B 120 11.49 9.13 -17.42
N SER B 121 10.50 9.70 -18.12
CA SER B 121 10.29 11.15 -18.09
CA SER B 121 10.28 11.14 -18.09
C SER B 121 9.80 11.61 -16.72
N GLN B 122 8.84 10.86 -16.13
CA GLN B 122 8.25 11.15 -14.84
C GLN B 122 9.28 11.10 -13.71
N PHE B 123 10.10 10.05 -13.67
CA PHE B 123 11.07 9.88 -12.59
C PHE B 123 12.47 10.39 -12.92
N SER B 124 12.59 11.39 -13.81
CA SER B 124 13.90 11.97 -14.14
C SER B 124 13.83 13.43 -14.62
N GLY B 125 14.77 14.22 -14.11
CA GLY B 125 14.87 15.64 -14.39
C GLY B 125 14.05 16.47 -13.42
N PRO B 126 13.64 17.67 -13.81
CA PRO B 126 12.85 18.52 -12.90
C PRO B 126 11.62 17.84 -12.32
N SER B 127 10.95 16.95 -13.08
CA SER B 127 9.78 16.24 -12.53
C SER B 127 10.18 15.38 -11.34
N ALA B 128 11.34 14.71 -11.41
CA ALA B 128 11.83 13.90 -10.31
C ALA B 128 12.26 14.76 -9.16
N GLU B 129 12.91 15.91 -9.43
CA GLU B 129 13.37 16.80 -8.37
C GLU B 129 12.17 17.41 -7.62
N GLN B 130 11.09 17.76 -8.33
CA GLN B 130 9.91 18.34 -7.68
CA GLN B 130 9.88 18.33 -7.72
C GLN B 130 9.16 17.29 -6.86
N MET B 131 9.19 16.02 -7.28
CA MET B 131 8.58 14.88 -6.61
C MET B 131 9.36 14.54 -5.32
N CYS B 132 10.72 14.46 -5.41
CA CYS B 132 11.57 14.13 -4.26
C CYS B 132 11.39 15.13 -3.12
N LYS B 133 11.53 16.44 -3.42
CA LYS B 133 11.42 17.47 -2.39
C LYS B 133 9.99 17.51 -1.79
N THR B 134 8.93 17.36 -2.63
CA THR B 134 7.55 17.36 -2.15
C THR B 134 7.26 16.16 -1.22
N TYR B 135 7.72 14.95 -1.59
CA TYR B 135 7.51 13.78 -0.72
C TYR B 135 8.36 13.85 0.55
N SER B 136 9.55 14.45 0.48
CA SER B 136 10.40 14.62 1.66
C SER B 136 9.69 15.56 2.65
N GLU B 137 9.09 16.66 2.14
CA GLU B 137 8.40 17.61 3.00
C GLU B 137 7.14 16.97 3.55
N PHE B 138 6.34 16.28 2.70
CA PHE B 138 5.11 15.61 3.16
C PHE B 138 5.41 14.59 4.27
N CYS B 139 6.35 13.67 4.01
CA CYS B 139 6.70 12.58 4.92
C CYS B 139 7.30 13.03 6.24
N SER B 140 8.14 14.07 6.22
CA SER B 140 8.71 14.62 7.45
C SER B 140 7.69 15.37 8.31
N ARG B 141 6.58 15.83 7.71
CA ARG B 141 5.46 16.53 8.36
C ARG B 141 4.23 15.62 8.59
N HIS B 142 4.35 14.31 8.32
CA HIS B 142 3.31 13.29 8.43
C HIS B 142 2.77 13.10 9.85
N SER B 143 3.66 12.80 10.82
CA SER B 143 3.29 12.58 12.22
CA SER B 143 3.26 12.57 12.21
C SER B 143 2.65 13.83 12.83
N LYS B 144 3.26 15.00 12.60
CA LYS B 144 2.76 16.28 13.09
C LYS B 144 1.31 16.53 12.63
N ALA B 145 0.93 15.99 11.45
CA ALA B 145 -0.42 16.13 10.93
C ALA B 145 -1.39 15.22 11.68
N LEU B 146 -0.97 13.97 11.95
CA LEU B 146 -1.75 12.96 12.69
C LEU B 146 -2.01 13.41 14.14
N LYS B 147 -1.03 14.13 14.74
CA LYS B 147 -1.18 14.64 16.08
C LYS B 147 -2.10 15.86 16.08
N LEU B 148 -1.97 16.73 15.07
CA LEU B 148 -2.82 17.90 14.94
C LEU B 148 -4.27 17.52 14.65
N TYR B 149 -4.48 16.43 13.89
CA TYR B 149 -5.83 15.94 13.61
C TYR B 149 -6.49 15.49 14.92
N LYS B 150 -5.75 14.69 15.72
CA LYS B 150 -6.25 14.15 16.98
C LYS B 150 -6.49 15.23 18.04
N GLU B 151 -5.62 16.25 18.09
CA GLU B 151 -5.75 17.38 19.02
C GLU B 151 -7.09 18.07 18.77
N LEU B 152 -7.34 18.46 17.51
CA LEU B 152 -8.55 19.11 17.06
C LEU B 152 -9.82 18.28 17.27
N TYR B 153 -9.82 17.01 16.84
CA TYR B 153 -10.99 16.13 16.99
C TYR B 153 -11.31 15.93 18.48
N ALA B 154 -10.28 15.75 19.32
CA ALA B 154 -10.49 15.57 20.75
C ALA B 154 -10.41 16.85 21.60
N ARG B 155 -10.67 18.03 21.00
CA ARG B 155 -10.67 19.30 21.74
C ARG B 155 -11.75 20.28 21.21
N ASP B 156 -12.18 20.10 19.95
CA ASP B 156 -13.17 20.93 19.26
C ASP B 156 -14.36 20.06 18.83
N LYS B 157 -15.58 20.46 19.23
CA LYS B 157 -16.84 19.77 18.90
C LYS B 157 -17.32 20.12 17.48
N ARG B 158 -16.97 21.32 16.99
CA ARG B 158 -17.31 21.76 15.65
C ARG B 158 -16.49 20.96 14.62
N PHE B 159 -15.20 20.72 14.92
CA PHE B 159 -14.31 19.93 14.07
C PHE B 159 -14.83 18.48 14.02
N GLN B 160 -15.25 17.94 15.18
CA GLN B 160 -15.83 16.61 15.34
C GLN B 160 -17.07 16.43 14.49
N GLN B 161 -18.00 17.41 14.51
CA GLN B 161 -19.24 17.34 13.73
C GLN B 161 -18.97 17.45 12.24
N PHE B 162 -17.96 18.25 11.85
CA PHE B 162 -17.58 18.40 10.46
C PHE B 162 -17.05 17.08 9.93
N ILE B 163 -16.11 16.47 10.66
CA ILE B 163 -15.49 15.22 10.27
C ILE B 163 -16.52 14.12 10.17
N ARG B 164 -17.37 13.99 11.19
CA ARG B 164 -18.42 12.98 11.21
C ARG B 164 -19.36 13.10 10.01
N LYS B 165 -19.67 14.35 9.64
CA LYS B 165 -20.51 14.71 8.52
C LYS B 165 -19.87 14.37 7.17
N VAL B 166 -18.67 14.90 6.87
CA VAL B 166 -17.99 14.69 5.59
C VAL B 166 -17.54 13.24 5.34
N THR B 167 -17.36 12.46 6.40
CA THR B 167 -16.95 11.07 6.27
C THR B 167 -18.14 10.08 6.33
N ARG B 168 -19.38 10.59 6.51
CA ARG B 168 -20.59 9.79 6.61
C ARG B 168 -20.88 8.91 5.37
N PRO B 169 -20.69 9.36 4.12
CA PRO B 169 -20.96 8.46 2.97
C PRO B 169 -20.15 7.15 2.93
N ALA B 170 -20.81 6.07 2.48
CA ALA B 170 -20.21 4.75 2.34
C ALA B 170 -18.92 4.78 1.53
N VAL B 171 -18.84 5.66 0.52
CA VAL B 171 -17.67 5.80 -0.35
C VAL B 171 -16.44 6.35 0.37
N LEU B 172 -16.58 6.93 1.58
CA LEU B 172 -15.45 7.45 2.37
C LEU B 172 -14.98 6.46 3.45
N LYS B 173 -15.31 5.18 3.31
CA LYS B 173 -14.97 4.16 4.30
C LYS B 173 -13.46 4.06 4.53
N ARG B 174 -12.69 3.92 3.46
CA ARG B 174 -11.23 3.83 3.51
C ARG B 174 -10.52 5.21 3.56
N HIS B 175 -11.28 6.32 3.49
CA HIS B 175 -10.74 7.64 3.26
C HIS B 175 -10.95 8.72 4.33
N GLY B 176 -10.63 8.40 5.55
CA GLY B 176 -10.61 9.40 6.61
C GLY B 176 -9.33 10.20 6.54
N VAL B 177 -9.26 11.36 7.24
CA VAL B 177 -8.07 12.23 7.20
C VAL B 177 -6.72 11.48 7.29
N GLN B 178 -6.57 10.64 8.31
CA GLN B 178 -5.35 9.89 8.60
C GLN B 178 -5.06 8.80 7.59
N GLU B 179 -6.11 8.08 7.15
CA GLU B 179 -5.98 7.04 6.14
C GLU B 179 -5.58 7.62 4.79
N CYS B 180 -6.08 8.82 4.46
CA CYS B 180 -5.71 9.52 3.23
C CYS B 180 -4.20 9.86 3.31
N ILE B 181 -3.76 10.37 4.47
CA ILE B 181 -2.39 10.74 4.76
C ILE B 181 -1.42 9.53 4.67
N LEU B 182 -1.83 8.36 5.15
CA LEU B 182 -0.97 7.17 5.05
C LEU B 182 -0.98 6.65 3.63
N LEU B 183 -2.17 6.65 2.96
CA LEU B 183 -2.31 6.24 1.55
C LEU B 183 -1.35 6.99 0.65
N VAL B 184 -1.12 8.28 0.96
CA VAL B 184 -0.23 9.14 0.17
C VAL B 184 1.23 8.75 0.38
N THR B 185 1.67 8.60 1.65
CA THR B 185 3.04 8.21 2.01
C THR B 185 3.41 6.83 1.43
N GLN B 186 2.47 5.88 1.49
CA GLN B 186 2.66 4.55 0.97
C GLN B 186 2.67 4.45 -0.58
N ARG B 187 2.15 5.46 -1.30
CA ARG B 187 2.10 5.39 -2.77
C ARG B 187 3.45 5.27 -3.46
N ILE B 188 4.43 6.10 -3.10
CA ILE B 188 5.75 6.12 -3.76
C ILE B 188 6.48 4.78 -3.73
N THR B 189 6.19 3.96 -2.73
CA THR B 189 6.80 2.64 -2.52
C THR B 189 6.09 1.51 -3.25
N LYS B 190 4.99 1.80 -3.95
CA LYS B 190 4.21 0.83 -4.73
C LYS B 190 4.76 0.73 -6.16
N TYR B 191 5.31 1.85 -6.70
CA TYR B 191 5.88 1.95 -8.03
C TYR B 191 6.94 0.92 -8.33
N PRO B 192 7.98 0.66 -7.48
CA PRO B 192 8.99 -0.35 -7.86
C PRO B 192 8.44 -1.75 -8.02
N LEU B 193 7.46 -2.10 -7.23
CA LEU B 193 6.82 -3.41 -7.30
CA LEU B 193 6.82 -3.42 -7.32
C LEU B 193 5.93 -3.52 -8.56
N LEU B 194 5.29 -2.42 -8.95
CA LEU B 194 4.42 -2.39 -10.12
C LEU B 194 5.26 -2.44 -11.41
N ILE B 195 6.32 -1.62 -11.46
CA ILE B 195 7.24 -1.53 -12.58
C ILE B 195 8.04 -2.85 -12.78
N SER B 196 8.46 -3.53 -11.69
CA SER B 196 9.21 -4.78 -11.82
CA SER B 196 9.21 -4.78 -11.85
CA SER B 196 9.21 -4.79 -11.81
C SER B 196 8.33 -5.89 -12.40
N ARG B 197 7.04 -5.93 -11.98
CA ARG B 197 6.10 -6.93 -12.47
C ARG B 197 5.73 -6.69 -13.92
N ILE B 198 5.72 -5.41 -14.37
CA ILE B 198 5.48 -5.04 -15.76
C ILE B 198 6.73 -5.47 -16.55
N LEU B 199 7.91 -5.09 -16.05
CA LEU B 199 9.21 -5.42 -16.63
C LEU B 199 9.38 -6.92 -16.85
N GLN B 200 8.79 -7.73 -15.98
CA GLN B 200 8.83 -9.19 -16.05
C GLN B 200 8.13 -9.73 -17.35
N HIS B 201 7.23 -8.94 -17.95
CA HIS B 201 6.54 -9.35 -19.16
C HIS B 201 6.74 -8.37 -20.31
N SER B 202 7.94 -7.78 -20.42
CA SER B 202 8.25 -6.81 -21.47
C SER B 202 9.50 -7.17 -22.27
N HIS B 203 9.79 -8.47 -22.40
CA HIS B 203 10.97 -8.95 -23.12
C HIS B 203 10.80 -9.07 -24.64
N GLY B 204 9.58 -8.83 -25.15
CA GLY B 204 9.28 -8.88 -26.59
C GLY B 204 9.87 -7.75 -27.41
N ILE B 205 10.21 -6.65 -26.74
CA ILE B 205 10.82 -5.46 -27.34
CA ILE B 205 10.84 -5.49 -27.35
C ILE B 205 12.04 -5.16 -26.45
N GLU B 206 13.27 -5.20 -26.99
CA GLU B 206 14.45 -4.95 -26.16
C GLU B 206 14.56 -3.50 -25.65
N GLU B 207 14.14 -2.50 -26.46
CA GLU B 207 14.21 -1.10 -25.99
C GLU B 207 13.18 -0.81 -24.90
N GLU B 208 12.06 -1.56 -24.86
CA GLU B 208 11.06 -1.45 -23.82
C GLU B 208 11.58 -2.08 -22.54
N ARG B 209 12.31 -3.21 -22.63
CA ARG B 209 12.89 -3.83 -21.45
C ARG B 209 13.92 -2.92 -20.79
N GLN B 210 14.72 -2.22 -21.61
CA GLN B 210 15.73 -1.29 -21.11
C GLN B 210 15.11 -0.04 -20.52
N ASP B 211 14.01 0.43 -21.12
CA ASP B 211 13.27 1.58 -20.59
C ASP B 211 12.77 1.27 -19.17
N LEU B 212 12.06 0.14 -18.99
CA LEU B 212 11.55 -0.28 -17.70
C LEU B 212 12.63 -0.64 -16.69
N THR B 213 13.85 -0.94 -17.17
CA THR B 213 14.99 -1.22 -16.31
C THR B 213 15.51 0.13 -15.79
N THR B 214 15.65 1.13 -16.68
CA THR B 214 16.07 2.47 -16.30
C THR B 214 15.04 3.13 -15.37
N ALA B 215 13.74 3.08 -15.74
CA ALA B 215 12.64 3.60 -14.94
C ALA B 215 12.63 2.98 -13.55
N LEU B 216 12.96 1.68 -13.45
CA LEU B 216 13.02 1.02 -12.16
C LEU B 216 14.12 1.60 -11.29
N GLY B 217 15.28 1.84 -11.90
CA GLY B 217 16.43 2.44 -11.24
C GLY B 217 16.18 3.86 -10.79
N LEU B 218 15.40 4.60 -11.57
CA LEU B 218 15.03 5.99 -11.29
C LEU B 218 14.04 6.13 -10.13
N VAL B 219 13.02 5.24 -10.04
CA VAL B 219 12.09 5.25 -8.91
C VAL B 219 12.86 4.89 -7.65
N LYS B 220 13.73 3.87 -7.73
CA LYS B 220 14.55 3.43 -6.62
C LYS B 220 15.50 4.51 -6.15
N GLU B 221 16.17 5.28 -7.06
CA GLU B 221 17.04 6.40 -6.69
CA GLU B 221 17.04 6.36 -6.58
C GLU B 221 16.20 7.45 -5.93
N LEU B 222 14.99 7.75 -6.48
CA LEU B 222 14.05 8.73 -5.92
C LEU B 222 13.62 8.35 -4.49
N LEU B 223 13.23 7.09 -4.31
CA LEU B 223 12.80 6.56 -3.03
C LEU B 223 13.88 6.66 -1.98
N SER B 224 15.14 6.46 -2.38
CA SER B 224 16.27 6.55 -1.47
CA SER B 224 16.30 6.55 -1.50
C SER B 224 16.54 8.00 -1.08
N ASN B 225 16.34 8.95 -2.01
CA ASN B 225 16.54 10.38 -1.73
C ASN B 225 15.46 10.95 -0.81
N VAL B 226 14.22 10.48 -0.95
CA VAL B 226 13.12 10.93 -0.08
C VAL B 226 13.39 10.38 1.33
N ASP B 227 13.71 9.08 1.41
CA ASP B 227 14.02 8.39 2.67
C ASP B 227 15.21 9.03 3.38
N GLU B 228 16.26 9.44 2.64
CA GLU B 228 17.44 10.07 3.24
C GLU B 228 17.14 11.46 3.82
N GLY B 229 16.20 12.19 3.21
CA GLY B 229 15.80 13.53 3.65
C GLY B 229 14.61 13.62 4.59
N ILE B 230 14.28 12.51 5.27
CA ILE B 230 13.18 12.52 6.24
C ILE B 230 13.65 12.68 7.69
N TYR B 231 13.12 13.71 8.38
CA TYR B 231 13.33 13.93 9.81
C TYR B 231 11.96 14.31 10.37
N GLN B 232 11.38 13.43 11.19
CA GLN B 232 10.06 13.69 11.76
C GLN B 232 9.97 14.96 12.59
N LEU B 233 8.93 15.74 12.33
CA LEU B 233 8.61 16.98 13.03
C LEU B 233 7.67 16.68 14.22
N GLU B 234 7.74 17.50 15.28
CA GLU B 234 6.86 17.35 16.44
C GLU B 234 6.18 18.67 16.76
N LYS B 235 4.84 18.65 16.98
CA LYS B 235 4.07 19.86 17.32
C LYS B 235 4.61 20.45 18.61
N GLY B 236 5.40 21.51 18.49
CA GLY B 236 6.02 22.12 19.65
C GLY B 236 7.25 21.34 20.12
N ALA B 237 8.16 21.07 19.19
CA ALA B 237 9.41 20.40 19.50
C ALA B 237 10.35 21.52 19.88
N ARG B 238 10.83 21.53 21.12
CA ARG B 238 11.71 22.59 21.60
C ARG B 238 13.04 22.58 20.88
N LEU B 239 13.66 23.77 20.72
CA LEU B 239 14.94 23.90 20.04
CA LEU B 239 14.92 23.87 20.01
C LEU B 239 16.03 22.97 20.56
N GLN B 240 16.09 22.78 21.91
CA GLN B 240 17.07 21.91 22.56
C GLN B 240 16.85 20.46 22.08
N GLU B 241 15.59 20.03 21.94
CA GLU B 241 15.24 18.69 21.49
C GLU B 241 15.66 18.41 20.04
N ILE B 242 15.66 19.45 19.21
CA ILE B 242 16.02 19.30 17.80
C ILE B 242 17.53 19.18 17.59
N TYR B 243 18.36 20.13 18.10
CA TYR B 243 19.80 20.05 17.86
C TYR B 243 20.53 18.96 18.66
N ASN B 244 19.82 18.19 19.49
CA ASN B 244 20.43 17.09 20.22
C ASN B 244 20.05 15.76 19.56
#